data_8P9W
#
_entry.id   8P9W
#
_cell.length_a   65.820
_cell.length_b   65.820
_cell.length_c   263.220
_cell.angle_alpha   90.00
_cell.angle_beta   90.00
_cell.angle_gamma   120.00
#
_symmetry.space_group_name_H-M   'P 65 2 2'
#
loop_
_entity.id
_entity.type
_entity.pdbx_description
1 polymer 'Vitamin D3 receptor A'
2 polymer 'Nuclear receptor coactivator 1'
3 non-polymer (1~{R},3~{S},5~{Z})-5-[(2~{E})-2-[(1~{S},3~{a}~{S},7~{a}~{S})-1,7~{a}-dimethyl-1-[6,6,6-tris(fluoranyl)-5-oxidanyl-5-(trifluoromethyl)hexa-1,3-diynyl]-2,3,3~{a},5,6,7-hexahydroinden-4-ylidene]ethylidene]-4-methylidene-cyclohexane-1,3-diol
4 water water
#
loop_
_entity_poly.entity_id
_entity_poly.type
_entity_poly.pdbx_seq_one_letter_code
_entity_poly.pdbx_strand_id
1 'polypeptide(L)'
;GSHMLSDEQMQIINSLVEAHHKTYDDSYSDFVRFRPPVREGPVTRSASRAASLHSLSDASSDSFNHSPESVDTKLNFSNL
LMMYQDSGSPDSSEEDQQSRLSMLPHLADLVSYSIQKVIGFAKMIPGFRDLTAEDQIALLKSSAIEIIMLRSNQSFSLED
MSWSCGGPDFKYCINDVTKAGHTLELLEPLVKFQVGLKKLKLHEEEHVLLMAICLLSPDRPGVQDHVRIEALQDRLCDVL
QAYIRIQHPGGRLLYAKMIQKLADLRSLNEEHSKQYRSLSFQPEHSMQLTPLVLEVFGSEVS
;
A
2 'polypeptide(L)' RHKILHRLLQEGSPS B
#
# COMPACT_ATOMS: atom_id res chain seq x y z
N HIS A 3 -17.17 -25.35 8.30
CA HIS A 3 -17.65 -24.36 7.33
C HIS A 3 -16.90 -24.42 6.00
N MET A 4 -17.46 -23.75 4.99
CA MET A 4 -16.80 -23.52 3.70
C MET A 4 -17.31 -22.17 3.16
N LEU A 5 -16.50 -21.53 2.31
CA LEU A 5 -16.83 -20.19 1.78
C LEU A 5 -17.95 -20.24 0.77
N SER A 6 -18.76 -19.18 0.70
CA SER A 6 -19.82 -19.15 -0.29
C SER A 6 -19.26 -18.80 -1.65
N ASP A 7 -20.10 -18.93 -2.66
CA ASP A 7 -19.70 -18.61 -4.01
C ASP A 7 -19.33 -17.13 -4.14
N GLU A 8 -20.06 -16.27 -3.44
CA GLU A 8 -19.81 -14.83 -3.44
C GLU A 8 -18.45 -14.51 -2.83
N GLN A 9 -18.18 -15.06 -1.66
CA GLN A 9 -16.89 -14.91 -1.02
C GLN A 9 -15.76 -15.41 -1.92
N MET A 10 -15.99 -16.56 -2.54
CA MET A 10 -14.99 -17.17 -3.39
C MET A 10 -14.67 -16.27 -4.56
N GLN A 11 -15.72 -15.72 -5.19
CA GLN A 11 -15.57 -14.74 -6.25
C GLN A 11 -14.70 -13.53 -5.84
N ILE A 12 -15.01 -12.98 -4.68
CA ILE A 12 -14.29 -11.83 -4.13
C ILE A 12 -12.79 -12.11 -4.07
N ILE A 13 -12.44 -13.28 -3.55
CA ILE A 13 -11.06 -13.72 -3.50
C ILE A 13 -10.48 -13.78 -4.91
N ASN A 14 -11.25 -14.35 -5.82
CA ASN A 14 -10.79 -14.50 -7.19
C ASN A 14 -10.53 -13.18 -7.87
N SER A 15 -11.45 -12.24 -7.75
CA SER A 15 -11.28 -10.97 -8.44
C SER A 15 -10.19 -10.17 -7.77
N LEU A 16 -9.92 -10.44 -6.49
CA LEU A 16 -8.91 -9.68 -5.78
C LEU A 16 -7.50 -10.15 -6.15
N VAL A 17 -7.32 -11.45 -6.25
CA VAL A 17 -6.02 -12.03 -6.60
C VAL A 17 -5.70 -11.69 -8.05
N GLU A 18 -6.70 -11.69 -8.91
CA GLU A 18 -6.50 -11.34 -10.32
C GLU A 18 -6.04 -9.91 -10.40
N ALA A 19 -6.73 -9.03 -9.68
CA ALA A 19 -6.37 -7.63 -9.60
C ALA A 19 -4.95 -7.45 -9.10
N HIS A 20 -4.51 -8.29 -8.18
CA HIS A 20 -3.16 -8.13 -7.68
C HIS A 20 -2.13 -8.47 -8.75
N HIS A 21 -2.35 -9.56 -9.46
CA HIS A 21 -1.43 -9.97 -10.51
C HIS A 21 -1.33 -8.99 -11.65
N LYS A 22 -2.43 -8.33 -11.95
CA LYS A 22 -2.50 -7.36 -13.03
C LYS A 22 -1.81 -6.05 -12.63
N THR A 23 -1.65 -5.80 -11.33
CA THR A 23 -1.01 -4.58 -10.90
C THR A 23 0.32 -4.82 -10.16
N TYR A 24 0.89 -6.01 -10.27
CA TYR A 24 2.19 -6.25 -9.66
C TYR A 24 3.05 -7.08 -10.59
N ASP A 25 4.14 -6.47 -11.05
CA ASP A 25 5.07 -7.08 -11.98
C ASP A 25 6.24 -7.65 -11.18
N ASP A 26 6.22 -8.96 -10.97
CA ASP A 26 7.24 -9.59 -10.14
C ASP A 26 8.68 -9.46 -10.69
N SER A 27 8.85 -8.95 -11.91
CA SER A 27 10.17 -8.84 -12.57
C SER A 27 10.84 -7.49 -12.34
N TYR A 28 10.03 -6.51 -11.97
CA TYR A 28 10.47 -5.16 -11.63
C TYR A 28 11.25 -4.54 -12.80
N SER A 29 10.94 -5.00 -14.01
CA SER A 29 11.66 -4.58 -15.20
C SER A 29 11.38 -3.11 -15.51
N ASP A 30 10.19 -2.63 -15.16
CA ASP A 30 9.84 -1.22 -15.33
C ASP A 30 10.70 -0.24 -14.53
N PHE A 31 11.47 -0.72 -13.56
CA PHE A 31 12.27 0.17 -12.70
C PHE A 31 13.42 0.83 -13.49
N VAL A 32 13.80 0.23 -14.63
CA VAL A 32 14.83 0.84 -15.43
C VAL A 32 14.35 2.12 -16.11
N ARG A 33 13.06 2.41 -16.01
CA ARG A 33 12.48 3.62 -16.55
C ARG A 33 12.44 4.74 -15.53
N PHE A 34 12.78 4.44 -14.29
CA PHE A 34 12.90 5.48 -13.27
C PHE A 34 14.20 6.26 -13.40
N ARG A 35 14.18 7.44 -12.81
CA ARG A 35 15.38 8.20 -12.64
C ARG A 35 16.27 7.33 -11.78
N PRO A 36 17.52 7.16 -12.20
CA PRO A 36 18.45 6.19 -11.62
C PRO A 36 18.68 6.40 -10.14
N PRO A 37 19.04 5.31 -9.44
CA PRO A 37 19.41 5.38 -8.03
C PRO A 37 20.83 5.93 -7.85
N VAL A 38 21.05 6.76 -6.83
CA VAL A 38 22.40 7.30 -6.68
C VAL A 38 22.89 7.24 -5.24
N ARG A 39 24.05 6.64 -5.04
CA ARG A 39 24.64 6.48 -3.72
C ARG A 39 26.06 7.02 -3.69
N LEU A 101 20.53 14.53 -1.08
CA LEU A 101 19.45 13.53 -1.16
C LEU A 101 19.48 12.77 -2.49
N SER A 102 20.54 12.00 -2.67
CA SER A 102 20.82 11.35 -3.95
C SER A 102 19.80 10.28 -4.35
N MET A 103 19.05 9.76 -3.39
CA MET A 103 18.13 8.67 -3.70
C MET A 103 16.70 9.16 -3.87
N LEU A 104 16.47 10.44 -3.64
CA LEU A 104 15.12 11.01 -3.72
C LEU A 104 14.52 10.91 -5.13
N PRO A 105 15.30 11.19 -6.18
CA PRO A 105 14.63 11.07 -7.48
C PRO A 105 14.17 9.66 -7.81
N HIS A 106 14.98 8.65 -7.53
CA HIS A 106 14.59 7.29 -7.82
C HIS A 106 13.41 6.77 -6.97
N LEU A 107 13.36 7.15 -5.71
CA LEU A 107 12.32 6.64 -4.83
C LEU A 107 11.01 7.38 -5.04
N ALA A 108 11.12 8.59 -5.56
CA ALA A 108 9.92 9.33 -5.88
C ALA A 108 9.31 8.70 -7.11
N ASP A 109 10.18 8.34 -8.04
CA ASP A 109 9.76 7.64 -9.23
C ASP A 109 9.19 6.27 -8.87
N LEU A 110 9.77 5.63 -7.85
CA LEU A 110 9.27 4.33 -7.41
C LEU A 110 7.90 4.47 -6.78
N VAL A 111 7.74 5.41 -5.88
CA VAL A 111 6.45 5.56 -5.22
C VAL A 111 5.37 5.99 -6.20
N SER A 112 5.69 6.94 -7.07
CA SER A 112 4.73 7.41 -8.04
C SER A 112 4.22 6.24 -8.89
N TYR A 113 5.14 5.38 -9.30
CA TYR A 113 4.79 4.14 -10.00
C TYR A 113 3.85 3.26 -9.19
N SER A 114 4.17 3.05 -7.91
CA SER A 114 3.36 2.20 -7.05
C SER A 114 1.97 2.76 -6.80
N ILE A 115 1.87 4.09 -6.78
CA ILE A 115 0.59 4.73 -6.54
C ILE A 115 -0.35 4.38 -7.68
N GLN A 116 0.16 4.41 -8.91
CA GLN A 116 -0.64 4.05 -10.07
C GLN A 116 -1.12 2.60 -10.00
N LYS A 117 -0.28 1.73 -9.47
CA LYS A 117 -0.61 0.33 -9.37
C LYS A 117 -1.66 0.14 -8.29
N VAL A 118 -1.49 0.85 -7.18
CA VAL A 118 -2.44 0.84 -6.07
C VAL A 118 -3.81 1.34 -6.53
N ILE A 119 -3.82 2.29 -7.45
CA ILE A 119 -5.06 2.82 -8.05
C ILE A 119 -5.73 1.78 -8.94
N GLY A 120 -4.96 1.11 -9.80
CA GLY A 120 -5.49 0.05 -10.64
C GLY A 120 -6.00 -1.12 -9.82
N PHE A 121 -5.37 -1.36 -8.69
CA PHE A 121 -5.81 -2.43 -7.82
C PHE A 121 -7.18 -2.09 -7.23
N ALA A 122 -7.26 -0.89 -6.68
CA ALA A 122 -8.47 -0.45 -6.01
C ALA A 122 -9.65 -0.46 -6.96
N LYS A 123 -9.40 -0.06 -8.21
CA LYS A 123 -10.43 -0.04 -9.26
C LYS A 123 -11.06 -1.41 -9.50
N MET A 124 -10.34 -2.47 -9.14
CA MET A 124 -10.85 -3.81 -9.37
C MET A 124 -11.40 -4.43 -8.09
N ILE A 125 -11.32 -3.72 -6.98
CA ILE A 125 -12.01 -4.19 -5.78
C ILE A 125 -13.51 -4.08 -5.98
N PRO A 126 -14.23 -5.18 -5.71
CA PRO A 126 -15.69 -5.17 -5.85
C PRO A 126 -16.33 -4.10 -4.98
N GLY A 127 -16.99 -3.14 -5.61
CA GLY A 127 -17.72 -2.11 -4.87
C GLY A 127 -17.06 -0.75 -4.87
N PHE A 128 -15.73 -0.74 -4.98
CA PHE A 128 -14.97 0.50 -4.96
C PHE A 128 -15.39 1.40 -6.09
N ARG A 129 -15.46 0.83 -7.30
CA ARG A 129 -15.83 1.59 -8.48
C ARG A 129 -17.21 2.25 -8.34
N ASP A 130 -18.04 1.70 -7.47
CA ASP A 130 -19.41 2.18 -7.29
C ASP A 130 -19.56 3.21 -6.20
N LEU A 131 -18.43 3.66 -5.66
CA LEU A 131 -18.47 4.79 -4.75
C LEU A 131 -18.41 6.09 -5.54
N THR A 132 -18.69 7.21 -4.88
CA THR A 132 -18.50 8.49 -5.53
C THR A 132 -17.01 8.78 -5.65
N ALA A 133 -16.64 9.52 -6.69
CA ALA A 133 -15.24 9.84 -6.96
C ALA A 133 -14.58 10.51 -5.78
N GLU A 134 -15.33 11.40 -5.14
CA GLU A 134 -14.89 12.06 -3.94
C GLU A 134 -14.35 11.05 -2.95
N ASP A 135 -15.19 10.06 -2.61
CA ASP A 135 -14.85 9.00 -1.65
C ASP A 135 -13.67 8.17 -2.14
N GLN A 136 -13.67 7.81 -3.42
CA GLN A 136 -12.56 7.02 -3.94
C GLN A 136 -11.24 7.75 -3.77
N ILE A 137 -11.24 9.06 -4.03
CA ILE A 137 -10.04 9.88 -3.88
C ILE A 137 -9.65 10.00 -2.42
N ALA A 138 -10.64 10.24 -1.56
CA ALA A 138 -10.46 10.25 -0.12
C ALA A 138 -9.86 8.95 0.45
N LEU A 139 -10.38 7.79 0.05
CA LEU A 139 -9.82 6.53 0.51
C LEU A 139 -8.39 6.36 -0.01
N LEU A 140 -8.19 6.67 -1.28
CA LEU A 140 -6.86 6.54 -1.86
C LEU A 140 -5.83 7.50 -1.27
N LYS A 141 -6.20 8.76 -1.07
CA LYS A 141 -5.24 9.74 -0.58
C LYS A 141 -4.69 9.43 0.81
N SER A 142 -5.48 8.72 1.62
CA SER A 142 -5.07 8.44 2.97
C SER A 142 -4.55 7.00 3.14
N SER A 143 -4.99 6.07 2.32
CA SER A 143 -4.49 4.70 2.48
C SER A 143 -3.27 4.35 1.62
N ALA A 144 -3.00 5.17 0.60
CA ALA A 144 -1.98 4.86 -0.42
C ALA A 144 -0.62 4.37 0.10
N ILE A 145 0.00 5.12 1.01
CA ILE A 145 1.30 4.76 1.53
C ILE A 145 1.24 3.45 2.33
N GLU A 146 0.10 3.20 2.98
CA GLU A 146 -0.11 1.95 3.68
C GLU A 146 -0.22 0.76 2.73
N ILE A 147 -0.81 0.97 1.57
CA ILE A 147 -0.94 -0.11 0.59
C ILE A 147 0.42 -0.38 0.03
N ILE A 148 1.17 0.69 -0.17
CA ILE A 148 2.54 0.62 -0.66
C ILE A 148 3.43 -0.16 0.33
N MET A 149 3.33 0.15 1.61
CA MET A 149 4.12 -0.54 2.62
C MET A 149 3.69 -2.01 2.69
N LEU A 150 2.41 -2.21 2.47
CA LEU A 150 1.85 -3.53 2.51
C LEU A 150 2.31 -4.34 1.33
N ARG A 151 2.15 -3.77 0.14
CA ARG A 151 2.46 -4.50 -1.08
C ARG A 151 3.97 -4.75 -1.16
N SER A 152 4.74 -3.78 -0.67
CA SER A 152 6.20 -3.86 -0.70
C SER A 152 6.76 -5.00 0.14
N ASN A 153 5.93 -5.67 0.92
CA ASN A 153 6.40 -6.82 1.68
C ASN A 153 6.84 -7.91 0.70
N GLN A 154 6.29 -7.92 -0.52
CA GLN A 154 6.54 -9.00 -1.46
C GLN A 154 7.99 -9.04 -1.96
N SER A 155 8.63 -7.87 -1.93
CA SER A 155 10.02 -7.67 -2.32
C SER A 155 10.96 -7.62 -1.12
N PHE A 156 10.39 -7.51 0.07
CA PHE A 156 11.21 -7.49 1.27
C PHE A 156 11.85 -8.86 1.52
N SER A 157 13.06 -8.86 2.03
CA SER A 157 13.83 -10.07 2.21
C SER A 157 14.41 -10.04 3.60
N LEU A 158 14.29 -11.16 4.30
CA LEU A 158 14.78 -11.24 5.68
C LEU A 158 16.27 -11.52 5.70
N GLU A 159 16.77 -12.22 4.67
CA GLU A 159 18.18 -12.62 4.57
C GLU A 159 19.17 -11.45 4.50
N ASP A 160 18.74 -10.33 3.92
CA ASP A 160 19.58 -9.14 3.85
C ASP A 160 18.85 -7.89 4.35
N MET A 161 17.67 -8.09 4.95
CA MET A 161 16.87 -7.05 5.60
C MET A 161 16.56 -5.84 4.73
N SER A 162 16.25 -6.09 3.45
CA SER A 162 16.01 -4.99 2.52
C SER A 162 15.01 -5.40 1.46
N TRP A 163 14.55 -4.43 0.69
CA TRP A 163 13.69 -4.70 -0.44
C TRP A 163 14.54 -4.98 -1.67
N SER A 164 14.50 -6.21 -2.18
CA SER A 164 15.28 -6.59 -3.36
C SER A 164 14.39 -6.64 -4.58
N CYS A 165 14.74 -5.87 -5.61
CA CYS A 165 13.88 -5.75 -6.79
C CYS A 165 14.55 -6.03 -8.14
N GLY A 166 15.19 -7.19 -8.26
CA GLY A 166 15.67 -7.63 -9.55
C GLY A 166 17.14 -7.39 -9.77
N GLY A 167 17.78 -6.72 -8.82
CA GLY A 167 19.21 -6.44 -8.93
C GLY A 167 19.79 -5.78 -7.71
N PRO A 168 21.09 -5.51 -7.73
CA PRO A 168 21.83 -4.83 -6.64
C PRO A 168 21.59 -3.32 -6.64
N ASP A 169 21.28 -2.78 -7.81
CA ASP A 169 20.97 -1.37 -7.94
C ASP A 169 19.58 -1.12 -7.36
N PHE A 170 18.70 -2.10 -7.52
CA PHE A 170 17.31 -1.99 -7.08
C PHE A 170 17.08 -2.67 -5.72
N LYS A 171 18.16 -2.79 -4.96
CA LYS A 171 18.08 -3.30 -3.61
C LYS A 171 18.19 -2.11 -2.66
N TYR A 172 17.12 -1.87 -1.89
CA TYR A 172 17.11 -0.71 -1.00
C TYR A 172 17.16 -1.08 0.48
N CYS A 173 18.26 -0.73 1.14
CA CYS A 173 18.33 -0.89 2.59
C CYS A 173 17.95 0.42 3.25
N ILE A 174 18.02 0.45 4.59
CA ILE A 174 17.61 1.63 5.34
C ILE A 174 18.48 2.81 4.98
N ASN A 175 19.75 2.53 4.73
CA ASN A 175 20.67 3.61 4.44
C ASN A 175 20.33 4.27 3.10
N ASP A 176 19.79 3.48 2.16
CA ASP A 176 19.40 4.00 0.85
C ASP A 176 18.27 5.02 0.99
N VAL A 177 17.27 4.67 1.80
CA VAL A 177 16.09 5.50 1.97
C VAL A 177 16.39 6.70 2.85
N THR A 178 17.50 6.62 3.57
CA THR A 178 17.89 7.74 4.38
C THR A 178 18.41 8.86 3.45
N LYS A 179 18.86 8.49 2.25
CA LYS A 179 19.37 9.44 1.26
C LYS A 179 18.24 9.94 0.36
N ALA A 180 17.01 9.70 0.79
CA ALA A 180 15.85 10.18 0.07
C ALA A 180 15.03 11.09 0.97
N GLY A 181 15.62 11.49 2.10
CA GLY A 181 14.98 12.44 3.00
C GLY A 181 14.14 11.90 4.15
N HIS A 182 14.38 10.65 4.54
CA HIS A 182 13.67 10.07 5.68
C HIS A 182 14.62 9.73 6.83
N THR A 183 14.05 9.69 8.04
CA THR A 183 14.82 9.45 9.25
C THR A 183 14.59 8.06 9.80
N LEU A 184 15.42 7.68 10.77
CA LEU A 184 15.33 6.38 11.39
C LEU A 184 14.02 6.23 12.14
N GLU A 185 13.39 7.37 12.45
CA GLU A 185 12.16 7.34 13.21
C GLU A 185 11.06 6.65 12.42
N LEU A 186 11.14 6.71 11.10
CA LEU A 186 10.20 5.98 10.26
C LEU A 186 10.75 4.63 9.89
N LEU A 187 11.95 4.64 9.35
CA LEU A 187 12.53 3.44 8.78
C LEU A 187 12.76 2.29 9.78
N GLU A 188 12.92 2.61 11.07
CA GLU A 188 13.13 1.55 12.02
C GLU A 188 11.83 0.80 12.30
N PRO A 189 10.75 1.48 12.70
CA PRO A 189 9.51 0.74 12.88
C PRO A 189 9.03 0.12 11.57
N LEU A 190 9.47 0.66 10.44
CA LEU A 190 9.00 0.14 9.17
C LEU A 190 9.59 -1.23 8.90
N VAL A 191 10.88 -1.34 9.15
CA VAL A 191 11.56 -2.60 8.91
C VAL A 191 11.07 -3.63 9.93
N LYS A 192 10.86 -3.19 11.16
CA LYS A 192 10.30 -4.04 12.20
C LYS A 192 8.92 -4.51 11.78
N PHE A 193 8.20 -3.64 11.08
CA PHE A 193 6.88 -3.97 10.58
C PHE A 193 6.97 -5.04 9.51
N GLN A 194 7.80 -4.79 8.50
CA GLN A 194 7.98 -5.69 7.37
C GLN A 194 8.44 -7.09 7.79
N VAL A 195 9.21 -7.17 8.86
CA VAL A 195 9.67 -8.45 9.36
C VAL A 195 8.53 -9.24 10.01
N GLY A 196 7.78 -8.58 10.87
CA GLY A 196 6.64 -9.19 11.51
C GLY A 196 5.67 -9.68 10.47
N LEU A 197 5.31 -8.80 9.56
CA LEU A 197 4.43 -9.16 8.46
C LEU A 197 4.98 -10.32 7.63
N LYS A 198 6.28 -10.27 7.36
CA LYS A 198 6.93 -11.35 6.65
C LYS A 198 6.77 -12.65 7.40
N LYS A 199 6.93 -12.58 8.73
CA LYS A 199 6.88 -13.75 9.61
C LYS A 199 5.47 -14.37 9.73
N LEU A 200 4.43 -13.61 9.45
CA LEU A 200 3.08 -14.16 9.44
C LEU A 200 2.86 -15.13 8.28
N LYS A 201 3.85 -15.26 7.39
CA LYS A 201 3.77 -16.09 6.19
C LYS A 201 2.38 -16.17 5.55
N LEU A 202 1.85 -15.02 5.16
CA LEU A 202 0.53 -14.92 4.55
C LEU A 202 0.41 -15.64 3.22
N HIS A 203 -0.75 -16.22 2.99
CA HIS A 203 -1.15 -16.69 1.68
C HIS A 203 -1.40 -15.49 0.79
N GLU A 204 -1.38 -15.74 -0.51
CA GLU A 204 -1.67 -14.73 -1.52
C GLU A 204 -3.03 -14.13 -1.26
N GLU A 205 -4.00 -14.99 -1.02
CA GLU A 205 -5.36 -14.61 -0.71
C GLU A 205 -5.45 -13.70 0.52
N GLU A 206 -4.68 -14.03 1.56
CA GLU A 206 -4.68 -13.23 2.79
C GLU A 206 -4.03 -11.85 2.59
N HIS A 207 -2.89 -11.86 1.90
CA HIS A 207 -2.16 -10.65 1.59
C HIS A 207 -3.02 -9.67 0.80
N VAL A 208 -3.72 -10.18 -0.20
CA VAL A 208 -4.49 -9.31 -1.06
C VAL A 208 -5.74 -8.84 -0.32
N LEU A 209 -6.27 -9.67 0.57
CA LEU A 209 -7.43 -9.31 1.37
C LEU A 209 -7.08 -8.16 2.27
N LEU A 210 -6.08 -8.37 3.12
CA LEU A 210 -5.56 -7.34 4.01
C LEU A 210 -5.40 -5.96 3.33
N MET A 211 -4.86 -5.91 2.10
CA MET A 211 -4.71 -4.65 1.36
C MET A 211 -6.06 -3.99 1.04
N ALA A 212 -7.03 -4.79 0.61
CA ALA A 212 -8.35 -4.27 0.28
C ALA A 212 -9.11 -3.80 1.52
N ILE A 213 -8.85 -4.47 2.64
CA ILE A 213 -9.40 -4.07 3.92
C ILE A 213 -8.87 -2.69 4.30
N CYS A 214 -7.57 -2.52 4.14
CA CYS A 214 -6.89 -1.26 4.42
C CYS A 214 -7.40 -0.12 3.54
N LEU A 215 -7.65 -0.43 2.27
CA LEU A 215 -8.19 0.53 1.32
C LEU A 215 -9.59 0.95 1.73
N LEU A 216 -10.36 -0.01 2.20
CA LEU A 216 -11.77 0.24 2.48
C LEU A 216 -12.02 0.57 3.94
N SER A 217 -11.02 1.13 4.61
CA SER A 217 -11.21 1.62 5.96
C SER A 217 -12.11 2.85 5.88
N PRO A 218 -13.17 2.89 6.68
CA PRO A 218 -14.07 4.05 6.67
C PRO A 218 -13.60 5.18 7.60
N ASP A 219 -12.72 4.88 8.54
CA ASP A 219 -12.15 5.90 9.43
C ASP A 219 -11.00 6.68 8.79
N ARG A 220 -11.23 7.20 7.59
CA ARG A 220 -10.25 8.06 6.94
C ARG A 220 -10.79 9.48 6.93
N PRO A 221 -9.90 10.47 6.97
CA PRO A 221 -10.37 11.85 6.77
C PRO A 221 -10.96 12.01 5.38
N GLY A 222 -12.16 12.58 5.27
CA GLY A 222 -12.71 12.91 3.98
C GLY A 222 -13.80 12.02 3.44
N VAL A 223 -14.01 10.85 4.03
CA VAL A 223 -15.03 9.95 3.49
C VAL A 223 -16.41 10.52 3.81
N GLN A 224 -17.39 10.19 2.97
CA GLN A 224 -18.72 10.75 3.07
C GLN A 224 -19.76 9.66 3.34
N ASP A 225 -19.70 8.59 2.54
CA ASP A 225 -20.61 7.46 2.73
C ASP A 225 -19.92 6.40 3.56
N HIS A 226 -19.70 6.71 4.83
CA HIS A 226 -19.03 5.80 5.76
C HIS A 226 -19.86 4.53 5.96
N VAL A 227 -21.19 4.66 5.84
CA VAL A 227 -22.12 3.53 5.94
C VAL A 227 -21.86 2.48 4.85
N ARG A 228 -21.73 2.92 3.61
CA ARG A 228 -21.49 2.03 2.48
C ARG A 228 -20.09 1.43 2.54
N ILE A 229 -19.12 2.24 2.95
CA ILE A 229 -17.73 1.79 2.97
C ILE A 229 -17.52 0.79 4.12
N GLU A 230 -18.26 0.96 5.21
CA GLU A 230 -18.14 0.03 6.34
C GLU A 230 -18.72 -1.31 5.94
N ALA A 231 -19.84 -1.27 5.22
CA ALA A 231 -20.47 -2.49 4.73
C ALA A 231 -19.50 -3.28 3.85
N LEU A 232 -18.79 -2.57 2.98
CA LEU A 232 -17.79 -3.17 2.11
C LEU A 232 -16.66 -3.83 2.90
N GLN A 233 -16.09 -3.06 3.82
CA GLN A 233 -14.99 -3.56 4.62
C GLN A 233 -15.38 -4.79 5.45
N ASP A 234 -16.58 -4.80 6.01
CA ASP A 234 -17.04 -5.93 6.83
C ASP A 234 -17.18 -7.17 5.96
N ARG A 235 -17.80 -6.99 4.81
CA ARG A 235 -17.99 -8.07 3.85
C ARG A 235 -16.65 -8.74 3.54
N LEU A 236 -15.64 -7.91 3.34
CA LEU A 236 -14.27 -8.34 3.11
C LEU A 236 -13.61 -9.01 4.31
N CYS A 237 -13.81 -8.44 5.50
CA CYS A 237 -13.28 -9.05 6.72
C CYS A 237 -13.88 -10.40 6.98
N ASP A 238 -15.16 -10.57 6.68
CA ASP A 238 -15.81 -11.87 6.85
C ASP A 238 -15.06 -12.86 5.94
N VAL A 239 -14.79 -12.44 4.72
CA VAL A 239 -14.09 -13.29 3.75
C VAL A 239 -12.73 -13.73 4.30
N LEU A 240 -11.98 -12.80 4.87
CA LEU A 240 -10.71 -13.14 5.50
C LEU A 240 -10.85 -14.05 6.72
N GLN A 241 -11.73 -13.66 7.64
CA GLN A 241 -11.92 -14.39 8.89
C GLN A 241 -12.32 -15.81 8.56
N ALA A 242 -13.13 -15.92 7.50
CA ALA A 242 -13.61 -17.21 7.03
C ALA A 242 -12.48 -17.99 6.41
N TYR A 243 -11.84 -17.37 5.40
CA TYR A 243 -10.75 -18.01 4.66
C TYR A 243 -9.75 -18.65 5.60
N ILE A 244 -9.23 -17.86 6.53
CA ILE A 244 -8.28 -18.35 7.53
C ILE A 244 -8.79 -19.58 8.29
N ARG A 245 -9.99 -19.49 8.86
CA ARG A 245 -10.64 -20.61 9.52
C ARG A 245 -10.54 -21.89 8.69
N ILE A 246 -11.07 -21.83 7.48
CA ILE A 246 -11.13 -22.98 6.58
C ILE A 246 -9.79 -23.36 5.93
N GLN A 247 -9.17 -22.42 5.24
CA GLN A 247 -8.06 -22.75 4.33
C GLN A 247 -6.65 -22.56 4.90
N HIS A 248 -6.54 -22.09 6.15
CA HIS A 248 -5.22 -21.87 6.73
C HIS A 248 -4.99 -22.64 8.03
N PRO A 249 -4.14 -23.68 7.99
CA PRO A 249 -3.87 -24.53 9.15
C PRO A 249 -2.92 -23.87 10.16
N GLY A 250 -3.39 -23.72 11.40
CA GLY A 250 -2.56 -23.20 12.47
C GLY A 250 -2.61 -21.68 12.59
N GLY A 251 -3.71 -21.09 12.15
CA GLY A 251 -3.84 -19.64 12.16
C GLY A 251 -5.06 -19.16 12.90
N ARG A 252 -5.21 -19.59 14.14
CA ARG A 252 -6.39 -19.19 14.89
C ARG A 252 -6.10 -17.94 15.71
N LEU A 253 -4.89 -17.44 15.60
CA LEU A 253 -4.57 -16.11 16.12
C LEU A 253 -4.29 -15.12 14.99
N LEU A 254 -4.22 -15.65 13.78
CA LEU A 254 -3.75 -14.90 12.62
C LEU A 254 -4.59 -13.66 12.29
N TYR A 255 -5.91 -13.83 12.26
CA TYR A 255 -6.81 -12.72 12.02
C TYR A 255 -6.51 -11.54 12.94
N ALA A 256 -6.46 -11.80 14.24
CA ALA A 256 -6.03 -10.79 15.20
C ALA A 256 -4.67 -10.20 14.84
N LYS A 257 -3.75 -11.03 14.35
CA LYS A 257 -2.38 -10.59 14.06
C LYS A 257 -2.32 -9.68 12.86
N MET A 258 -3.26 -9.90 11.94
CA MET A 258 -3.39 -9.11 10.74
C MET A 258 -4.08 -7.78 11.05
N ILE A 259 -5.07 -7.84 11.93
CA ILE A 259 -5.79 -6.64 12.34
C ILE A 259 -4.86 -5.68 13.03
N GLN A 260 -3.97 -6.22 13.84
CA GLN A 260 -2.97 -5.41 14.51
C GLN A 260 -2.01 -4.81 13.50
N LYS A 261 -1.68 -5.57 12.46
CA LYS A 261 -0.79 -5.08 11.40
C LYS A 261 -1.40 -3.82 10.79
N LEU A 262 -2.73 -3.77 10.75
CA LEU A 262 -3.40 -2.57 10.27
C LEU A 262 -3.17 -1.39 11.20
N ALA A 263 -3.28 -1.64 12.50
CA ALA A 263 -3.07 -0.58 13.49
C ALA A 263 -1.63 -0.05 13.45
N ASP A 264 -0.68 -0.90 13.09
CA ASP A 264 0.71 -0.49 12.99
C ASP A 264 0.89 0.47 11.82
N LEU A 265 0.20 0.16 10.72
CA LEU A 265 0.24 0.95 9.52
C LEU A 265 -0.24 2.37 9.75
N ARG A 266 -1.13 2.57 10.69
CA ARG A 266 -1.62 3.91 10.95
C ARG A 266 -0.54 4.77 11.56
N SER A 267 0.21 4.19 12.50
CA SER A 267 1.35 4.89 13.09
C SER A 267 2.32 5.25 12.00
N LEU A 268 2.64 4.25 11.19
CA LEU A 268 3.58 4.39 10.09
C LEU A 268 3.14 5.47 9.11
N ASN A 269 1.85 5.53 8.82
CA ASN A 269 1.28 6.56 7.99
C ASN A 269 1.55 7.94 8.56
N GLU A 270 1.41 8.04 9.87
CA GLU A 270 1.57 9.30 10.56
C GLU A 270 3.02 9.80 10.48
N GLU A 271 3.96 8.89 10.72
CA GLU A 271 5.37 9.25 10.71
C GLU A 271 5.82 9.67 9.31
N HIS A 272 5.38 8.93 8.32
CA HIS A 272 5.67 9.27 6.94
C HIS A 272 5.09 10.62 6.55
N SER A 273 3.86 10.86 6.97
CA SER A 273 3.21 12.13 6.69
C SER A 273 3.95 13.31 7.32
N LYS A 274 4.55 13.10 8.49
CA LYS A 274 5.29 14.16 9.16
C LYS A 274 6.50 14.46 8.32
N GLN A 275 7.17 13.40 7.91
CA GLN A 275 8.44 13.53 7.24
C GLN A 275 8.28 14.03 5.81
N TYR A 276 7.25 13.57 5.13
CA TYR A 276 6.95 14.02 3.78
C TYR A 276 6.60 15.49 3.85
N ARG A 277 5.86 15.89 4.86
CA ARG A 277 5.50 17.29 5.01
C ARG A 277 6.76 18.15 5.16
N SER A 278 7.72 17.66 5.93
CA SER A 278 9.01 18.33 6.08
C SER A 278 9.71 18.44 4.75
N LEU A 279 9.64 17.35 4.00
CA LEU A 279 10.35 17.25 2.75
C LEU A 279 9.72 18.13 1.68
N SER A 280 8.41 18.05 1.57
CA SER A 280 7.68 18.79 0.55
C SER A 280 7.63 20.29 0.78
N PHE A 281 8.08 20.75 1.94
CA PHE A 281 8.01 22.16 2.30
C PHE A 281 9.26 22.88 1.86
N GLN A 282 10.23 22.10 1.41
CA GLN A 282 11.45 22.63 0.87
C GLN A 282 11.38 22.48 -0.64
N PRO A 283 11.37 23.61 -1.37
CA PRO A 283 11.20 23.57 -2.83
C PRO A 283 12.33 22.81 -3.50
N GLU A 284 13.56 22.93 -3.01
CA GLU A 284 14.68 22.22 -3.62
C GLU A 284 14.48 20.71 -3.65
N HIS A 285 13.63 20.21 -2.77
CA HIS A 285 13.35 18.78 -2.66
C HIS A 285 12.03 18.43 -3.31
N SER A 286 11.01 19.23 -3.04
CA SER A 286 9.72 18.93 -3.64
C SER A 286 9.78 18.97 -5.17
N MET A 287 10.69 19.76 -5.75
CA MET A 287 10.84 19.81 -7.20
C MET A 287 11.34 18.48 -7.76
N GLN A 288 11.90 17.64 -6.90
CA GLN A 288 12.34 16.32 -7.31
C GLN A 288 11.22 15.29 -7.21
N LEU A 289 10.08 15.70 -6.67
CA LEU A 289 8.93 14.80 -6.59
C LEU A 289 8.16 14.85 -7.90
N THR A 290 7.09 14.06 -7.97
CA THR A 290 6.30 13.97 -9.19
C THR A 290 4.91 14.54 -9.00
N PRO A 291 4.32 15.08 -10.07
CA PRO A 291 2.96 15.63 -10.02
C PRO A 291 1.94 14.74 -9.30
N LEU A 292 2.00 13.42 -9.51
CA LEU A 292 1.06 12.50 -8.87
C LEU A 292 1.34 12.35 -7.39
N VAL A 293 2.60 12.12 -7.05
CA VAL A 293 3.00 12.10 -5.66
C VAL A 293 2.48 13.34 -4.97
N LEU A 294 2.76 14.50 -5.56
CA LEU A 294 2.37 15.77 -4.97
C LEU A 294 0.87 15.85 -4.78
N GLU A 295 0.12 15.33 -5.74
CA GLU A 295 -1.33 15.32 -5.68
C GLU A 295 -1.85 14.41 -4.55
N VAL A 296 -1.37 13.18 -4.53
CA VAL A 296 -1.82 12.17 -3.60
C VAL A 296 -1.38 12.46 -2.16
N PHE A 297 -0.10 12.80 -2.00
CA PHE A 297 0.43 13.04 -0.67
C PHE A 297 0.24 14.49 -0.24
N GLY A 298 -0.21 15.34 -1.14
CA GLY A 298 -0.47 16.73 -0.83
C GLY A 298 -1.78 16.86 -0.10
N SER A 299 -2.05 18.02 0.48
CA SER A 299 -3.22 18.18 1.32
C SER A 299 -4.33 19.09 0.74
N GLU A 300 -4.73 18.91 -0.53
CA GLU A 300 -5.81 19.73 -1.10
C GLU A 300 -7.17 19.07 -0.87
N VAL A 301 -8.23 19.84 -0.65
CA VAL A 301 -9.54 19.23 -0.37
C VAL A 301 -10.44 19.07 -1.59
N ARG B 1 -9.79 19.49 -6.38
CA ARG B 1 -8.88 19.44 -7.50
C ARG B 1 -8.66 18.00 -7.92
N HIS B 2 -7.40 17.55 -7.83
CA HIS B 2 -6.97 16.17 -8.14
C HIS B 2 -7.17 15.76 -9.60
N LYS B 3 -6.55 16.49 -10.53
CA LYS B 3 -6.80 16.28 -11.96
C LYS B 3 -6.36 14.88 -12.38
N ILE B 4 -5.17 14.50 -11.93
CA ILE B 4 -4.58 13.21 -12.26
C ILE B 4 -5.31 12.00 -11.67
N LEU B 5 -5.71 12.08 -10.41
CA LEU B 5 -6.46 11.00 -9.76
C LEU B 5 -7.80 10.71 -10.43
N HIS B 6 -8.46 11.77 -10.89
CA HIS B 6 -9.71 11.62 -11.61
C HIS B 6 -9.52 10.88 -12.91
N ARG B 7 -8.45 11.20 -13.62
CA ARG B 7 -8.16 10.54 -14.89
C ARG B 7 -7.83 9.07 -14.63
N LEU B 8 -6.88 8.86 -13.73
CA LEU B 8 -6.40 7.50 -13.41
C LEU B 8 -7.57 6.65 -12.93
N LEU B 9 -8.64 7.31 -12.48
CA LEU B 9 -9.84 6.57 -12.01
C LEU B 9 -10.87 6.50 -13.14
N GLN B 10 -10.47 6.94 -14.34
CA GLN B 10 -11.20 6.64 -15.60
C GLN B 10 -12.65 7.09 -15.44
#